data_4BWS
#
_entry.id   4BWS
#
_cell.length_a   144.180
_cell.length_b   40.470
_cell.length_c   168.171
_cell.angle_alpha   90.00
_cell.angle_beta   95.92
_cell.angle_gamma   90.00
#
_symmetry.space_group_name_H-M   'I 1 2 1'
#
loop_
_entity.id
_entity.type
_entity.pdbx_description
1 polymer 'THIOREDOXIN-LIKE PROTEIN 4A'
2 polymer 'POLYGLUTAMINE-BINDING PROTEIN 1'
3 polymer 'CD2 ANTIGEN CYTOPLASMIC TAIL-BINDING PROTEIN 2'
4 water water
#
loop_
_entity_poly.entity_id
_entity_poly.type
_entity_poly.pdbx_seq_one_letter_code
_entity_poly.pdbx_strand_id
1 'polypeptide(L)'
;MAHHHHHHMLPHLHNGWQVDQAILSEEDRVVVIRFGHDWDPTCMKMDEVLYSIAEKVKNFAVIYLVDITEVPDFNKMYEL
YDPCTVMFFFRNKHIMIDLGTGNNNKINWAMEDKQEMVDIIETVYRGARKGRGLVVSPKDYS
;
A,D
2 'polypeptide(L)' TGADTTAAGPLFQQRPYPSPGAVLRANAEASRTKQQD B,E
3 'polypeptide(L)' MAHHHHHHMDVMWEYKWENTGDAELYGPFTSAQMQTWVSEGYFPDGVYCRKLDPPGGQFYNSKRIDFDLYT C,F
#
# COMPACT_ATOMS: atom_id res chain seq x y z
N LEU A 10 4.97 0.95 -26.91
CA LEU A 10 4.29 -0.29 -26.48
C LEU A 10 2.81 -0.26 -26.78
N PRO A 11 2.33 -1.29 -27.47
CA PRO A 11 0.91 -1.40 -27.90
C PRO A 11 -0.10 -1.29 -26.73
N HIS A 12 -1.26 -0.68 -26.98
CA HIS A 12 -2.36 -0.60 -26.02
C HIS A 12 -3.59 -1.36 -26.48
N LEU A 13 -4.32 -1.91 -25.52
CA LEU A 13 -5.63 -2.49 -25.75
C LEU A 13 -6.67 -1.54 -25.21
N HIS A 14 -7.72 -1.30 -25.99
CA HIS A 14 -8.61 -0.16 -25.75
C HIS A 14 -10.03 -0.53 -25.32
N ASN A 15 -10.41 -1.80 -25.49
CA ASN A 15 -11.64 -2.33 -24.88
C ASN A 15 -11.54 -3.80 -24.57
N GLY A 16 -12.55 -4.32 -23.89
CA GLY A 16 -12.57 -5.72 -23.52
C GLY A 16 -12.40 -6.66 -24.69
N TRP A 17 -13.03 -6.34 -25.82
CA TRP A 17 -12.94 -7.20 -26.99
C TRP A 17 -11.49 -7.35 -27.45
N GLN A 18 -10.78 -6.22 -27.57
CA GLN A 18 -9.35 -6.19 -27.92
C GLN A 18 -8.47 -7.01 -26.95
N VAL A 19 -8.75 -6.89 -25.66
CA VAL A 19 -7.99 -7.67 -24.67
C VAL A 19 -8.21 -9.15 -24.95
N ASP A 20 -9.45 -9.51 -25.27
CA ASP A 20 -9.76 -10.91 -25.54
C ASP A 20 -9.03 -11.38 -26.78
N GLN A 21 -9.02 -10.52 -27.80
CA GLN A 21 -8.33 -10.83 -29.05
C GLN A 21 -6.83 -11.05 -28.82
N ALA A 22 -6.21 -10.12 -28.10
CA ALA A 22 -4.79 -10.23 -27.71
C ALA A 22 -4.40 -11.55 -27.03
N ILE A 23 -5.21 -12.00 -26.08
CA ILE A 23 -4.93 -13.23 -25.35
C ILE A 23 -5.07 -14.41 -26.32
N LEU A 24 -6.06 -14.33 -27.19
CA LEU A 24 -6.35 -15.41 -28.10
C LEU A 24 -5.46 -15.37 -29.35
N SER A 25 -4.53 -14.41 -29.42
CA SER A 25 -3.73 -14.25 -30.64
C SER A 25 -2.43 -15.03 -30.60
N GLU A 26 -2.08 -15.58 -29.44
CA GLU A 26 -0.79 -16.23 -29.28
C GLU A 26 -0.91 -17.72 -29.00
N GLU A 27 -0.20 -18.52 -29.78
CA GLU A 27 -0.15 -19.96 -29.55
C GLU A 27 1.10 -20.38 -28.82
N ASP A 28 2.20 -19.70 -29.10
CA ASP A 28 3.50 -20.12 -28.61
C ASP A 28 4.22 -19.01 -27.88
N ARG A 29 3.48 -18.03 -27.37
CA ARG A 29 4.10 -16.96 -26.60
C ARG A 29 3.26 -16.57 -25.41
N VAL A 30 3.92 -16.08 -24.37
CA VAL A 30 3.25 -15.59 -23.19
C VAL A 30 2.70 -14.19 -23.47
N VAL A 31 1.44 -13.95 -23.14
CA VAL A 31 0.91 -12.61 -23.26
C VAL A 31 1.02 -11.94 -21.91
N VAL A 32 1.84 -10.90 -21.84
CA VAL A 32 2.06 -10.13 -20.63
C VAL A 32 1.19 -8.89 -20.72
N ILE A 33 0.37 -8.65 -19.70
CA ILE A 33 -0.49 -7.47 -19.71
C ILE A 33 -0.14 -6.59 -18.54
N ARG A 34 -0.10 -5.29 -18.76
CA ARG A 34 0.07 -4.34 -17.67
C ARG A 34 -1.22 -3.52 -17.50
N PHE A 35 -1.92 -3.79 -16.40
CA PHE A 35 -3.12 -3.02 -16.07
C PHE A 35 -2.74 -1.83 -15.20
N GLY A 36 -3.19 -0.64 -15.61
CA GLY A 36 -2.86 0.57 -14.87
C GLY A 36 -3.12 1.85 -15.63
N HIS A 37 -2.16 2.76 -15.60
CA HIS A 37 -2.30 4.09 -16.16
C HIS A 37 -0.92 4.60 -16.55
N ASP A 38 -0.73 5.05 -17.78
CA ASP A 38 0.58 5.55 -18.20
C ASP A 38 1.09 6.73 -17.39
N TRP A 39 0.17 7.61 -17.02
CA TRP A 39 0.52 8.78 -16.22
C TRP A 39 0.87 8.38 -14.79
N ASP A 40 0.59 7.13 -14.41
CA ASP A 40 0.92 6.67 -13.06
C ASP A 40 2.39 6.35 -12.90
N PRO A 41 3.00 6.90 -11.83
CA PRO A 41 4.43 6.78 -11.52
C PRO A 41 4.93 5.34 -11.51
N THR A 42 4.25 4.46 -10.78
CA THR A 42 4.66 3.07 -10.72
C THR A 42 4.60 2.41 -12.10
N CYS A 43 3.61 2.81 -12.89
CA CYS A 43 3.41 2.22 -14.21
C CYS A 43 4.44 2.73 -15.17
N MET A 44 4.91 3.95 -14.95
CA MET A 44 5.98 4.53 -15.74
C MET A 44 7.27 3.75 -15.54
N LYS A 45 7.61 3.47 -14.28
CA LYS A 45 8.77 2.64 -13.94
C LYS A 45 8.65 1.28 -14.58
N MET A 46 7.53 0.61 -14.35
CA MET A 46 7.31 -0.69 -14.95
C MET A 46 7.37 -0.62 -16.48
N ASP A 47 6.69 0.38 -17.07
CA ASP A 47 6.66 0.53 -18.54
C ASP A 47 8.04 0.69 -19.17
N GLU A 48 8.90 1.45 -18.49
CA GLU A 48 10.32 1.56 -18.85
C GLU A 48 11.00 0.20 -18.96
N VAL A 49 10.83 -0.62 -17.93
CA VAL A 49 11.44 -1.94 -17.91
C VAL A 49 10.88 -2.85 -18.98
N LEU A 50 9.57 -2.92 -19.07
CA LEU A 50 8.91 -3.75 -20.08
C LEU A 50 9.32 -3.34 -21.48
N TYR A 51 9.45 -2.03 -21.70
CA TYR A 51 9.89 -1.54 -23.00
C TYR A 51 11.28 -2.04 -23.32
N SER A 52 12.23 -1.87 -22.40
CA SER A 52 13.61 -2.18 -22.73
C SER A 52 13.92 -3.67 -22.84
N ILE A 53 13.04 -4.52 -22.33
CA ILE A 53 13.28 -5.97 -22.42
C ILE A 53 12.45 -6.65 -23.50
N ALA A 54 11.61 -5.87 -24.16
CA ALA A 54 10.68 -6.44 -25.13
C ALA A 54 11.38 -7.13 -26.30
N GLU A 55 12.40 -6.49 -26.84
CA GLU A 55 13.14 -7.05 -27.97
C GLU A 55 13.65 -8.43 -27.61
N LYS A 56 14.30 -8.53 -26.43
CA LYS A 56 14.85 -9.79 -25.93
C LYS A 56 13.83 -10.94 -25.74
N VAL A 57 12.64 -10.64 -25.21
CA VAL A 57 11.67 -11.72 -24.92
C VAL A 57 10.79 -12.10 -26.11
N LYS A 58 11.02 -11.43 -27.23
CA LYS A 58 10.15 -11.45 -28.41
C LYS A 58 9.87 -12.80 -29.07
N ASN A 59 10.63 -13.83 -28.75
CA ASN A 59 10.31 -15.12 -29.34
C ASN A 59 9.39 -15.93 -28.46
N PHE A 60 9.29 -15.53 -27.19
CA PHE A 60 8.44 -16.25 -26.25
C PHE A 60 7.45 -15.36 -25.48
N ALA A 61 7.34 -14.10 -25.88
CA ALA A 61 6.55 -13.14 -25.12
C ALA A 61 6.21 -11.84 -25.86
N VAL A 62 4.94 -11.43 -25.73
CA VAL A 62 4.44 -10.16 -26.25
C VAL A 62 3.78 -9.37 -25.12
N ILE A 63 4.00 -8.05 -25.09
CA ILE A 63 3.53 -7.22 -23.99
C ILE A 63 2.47 -6.22 -24.46
N TYR A 64 1.43 -5.98 -23.67
CA TYR A 64 0.42 -4.97 -24.02
C TYR A 64 0.07 -4.13 -22.81
N LEU A 65 -0.28 -2.86 -23.01
CA LEU A 65 -0.75 -2.04 -21.89
C LEU A 65 -2.27 -1.86 -21.94
N VAL A 66 -2.88 -1.84 -20.76
CA VAL A 66 -4.30 -1.60 -20.62
C VAL A 66 -4.53 -0.58 -19.51
N ASP A 67 -5.15 0.54 -19.88
CA ASP A 67 -5.62 1.55 -18.92
C ASP A 67 -6.92 1.03 -18.32
N ILE A 68 -6.98 0.99 -16.99
CA ILE A 68 -8.11 0.36 -16.33
C ILE A 68 -9.19 1.36 -15.96
N THR A 69 -9.12 2.56 -16.52
CA THR A 69 -10.27 3.45 -16.48
C THR A 69 -11.00 3.41 -17.83
N GLU A 70 -10.24 3.44 -18.91
CA GLU A 70 -10.79 3.32 -20.24
C GLU A 70 -11.29 1.89 -20.43
N VAL A 71 -10.59 0.93 -19.85
CA VAL A 71 -11.00 -0.47 -19.94
C VAL A 71 -11.25 -1.07 -18.55
N PRO A 72 -12.40 -0.73 -17.95
CA PRO A 72 -12.65 -1.16 -16.56
C PRO A 72 -13.08 -2.63 -16.39
N ASP A 73 -13.35 -3.32 -17.50
CA ASP A 73 -13.99 -4.66 -17.47
C ASP A 73 -13.39 -5.71 -16.52
N PHE A 74 -12.14 -5.53 -16.10
CA PHE A 74 -11.43 -6.60 -15.42
C PHE A 74 -11.11 -6.22 -13.98
N ASN A 75 -11.46 -4.99 -13.63
CA ASN A 75 -11.14 -4.41 -12.34
C ASN A 75 -11.59 -5.25 -11.15
N LYS A 76 -12.80 -5.79 -11.22
CA LYS A 76 -13.36 -6.45 -10.04
C LYS A 76 -12.80 -7.86 -9.88
N MET A 77 -12.70 -8.56 -11.00
CA MET A 77 -12.30 -9.96 -11.00
C MET A 77 -10.80 -10.15 -10.90
N TYR A 78 -10.01 -9.33 -11.58
CA TYR A 78 -8.57 -9.42 -11.43
C TYR A 78 -8.12 -8.62 -10.20
N GLU A 79 -9.09 -7.99 -9.53
CA GLU A 79 -8.83 -7.26 -8.29
C GLU A 79 -7.75 -6.21 -8.51
N LEU A 80 -7.91 -5.43 -9.57
CA LEU A 80 -6.89 -4.45 -9.94
C LEU A 80 -6.99 -3.22 -9.05
N TYR A 81 -6.58 -3.37 -7.80
CA TYR A 81 -6.61 -2.25 -6.87
C TYR A 81 -5.21 -1.66 -6.63
N ASP A 82 -4.17 -2.36 -7.09
CA ASP A 82 -2.82 -1.81 -7.07
C ASP A 82 -2.64 -0.85 -8.24
N PRO A 83 -1.82 0.21 -8.04
CA PRO A 83 -1.59 1.18 -9.13
C PRO A 83 -1.08 0.51 -10.38
N CYS A 84 -0.16 -0.44 -10.25
CA CYS A 84 0.41 -1.15 -11.39
C CYS A 84 0.31 -2.65 -11.17
N THR A 85 -0.32 -3.34 -12.12
CA THR A 85 -0.47 -4.78 -12.06
C THR A 85 0.08 -5.34 -13.35
N VAL A 86 0.96 -6.35 -13.28
CA VAL A 86 1.38 -7.07 -14.45
C VAL A 86 1.00 -8.53 -14.31
N MET A 87 0.33 -9.08 -15.32
CA MET A 87 -0.17 -10.46 -15.27
C MET A 87 0.22 -11.25 -16.51
N PHE A 88 0.18 -12.57 -16.42
CA PHE A 88 0.71 -13.43 -17.46
C PHE A 88 -0.35 -14.40 -17.93
N PHE A 89 -0.40 -14.62 -19.24
CA PHE A 89 -1.38 -15.54 -19.80
C PHE A 89 -0.69 -16.47 -20.80
N PHE A 90 -1.25 -17.65 -21.01
CA PHE A 90 -0.63 -18.54 -21.98
C PHE A 90 -1.63 -19.51 -22.52
N ARG A 91 -1.86 -19.42 -23.83
CA ARG A 91 -2.98 -20.11 -24.48
C ARG A 91 -4.24 -19.97 -23.64
N ASN A 92 -4.56 -18.72 -23.31
CA ASN A 92 -5.86 -18.38 -22.71
C ASN A 92 -6.04 -18.88 -21.28
N LYS A 93 -4.94 -19.21 -20.61
CA LYS A 93 -5.00 -19.52 -19.16
C LYS A 93 -4.14 -18.55 -18.38
N HIS A 94 -4.73 -17.88 -17.40
CA HIS A 94 -3.95 -17.06 -16.50
C HIS A 94 -2.91 -17.98 -15.84
N ILE A 95 -1.64 -17.57 -15.86
CA ILE A 95 -0.57 -18.35 -15.25
C ILE A 95 -0.07 -17.62 -14.01
N MET A 96 0.12 -18.38 -12.92
CA MET A 96 0.52 -17.84 -11.63
C MET A 96 2.03 -17.90 -11.42
N ILE A 97 2.57 -16.97 -10.63
CA ILE A 97 3.96 -17.07 -10.19
C ILE A 97 4.08 -16.85 -8.69
N ASP A 98 4.68 -17.81 -8.00
CA ASP A 98 5.08 -17.61 -6.61
C ASP A 98 6.27 -16.67 -6.57
N LEU A 99 6.10 -15.51 -5.96
CA LEU A 99 7.16 -14.52 -5.86
C LEU A 99 7.62 -14.36 -4.40
N GLY A 100 7.19 -15.29 -3.54
CA GLY A 100 7.50 -15.17 -2.13
C GLY A 100 6.85 -13.94 -1.53
N THR A 101 5.76 -13.48 -2.15
CA THR A 101 5.02 -12.29 -1.73
C THR A 101 3.71 -12.61 -1.03
N GLY A 102 3.20 -13.81 -1.25
CA GLY A 102 1.87 -14.16 -0.79
C GLY A 102 0.78 -13.91 -1.82
N ASN A 103 1.13 -13.24 -2.92
CA ASN A 103 0.19 -13.02 -4.00
C ASN A 103 0.70 -13.65 -5.29
N ASN A 104 0.08 -14.75 -5.69
CA ASN A 104 0.59 -15.54 -6.78
C ASN A 104 -0.06 -15.20 -8.13
N ASN A 105 -0.86 -14.15 -8.17
CA ASN A 105 -1.63 -13.85 -9.38
C ASN A 105 -1.16 -12.69 -10.25
N LYS A 106 -0.23 -11.91 -9.74
CA LYS A 106 0.13 -10.65 -10.36
C LYS A 106 1.42 -10.16 -9.73
N ILE A 107 2.23 -9.41 -10.47
CA ILE A 107 3.34 -8.66 -9.90
C ILE A 107 2.78 -7.28 -9.77
N ASN A 108 2.71 -6.76 -8.55
CA ASN A 108 2.06 -5.47 -8.38
C ASN A 108 2.97 -4.38 -7.84
N TRP A 109 4.26 -4.47 -8.16
CA TRP A 109 5.20 -3.40 -7.82
C TRP A 109 6.16 -3.10 -8.98
N ALA A 110 6.75 -1.91 -8.96
CA ALA A 110 7.73 -1.55 -9.97
C ALA A 110 8.99 -2.41 -9.88
N MET A 111 8.95 -3.57 -10.54
CA MET A 111 10.06 -4.51 -10.53
C MET A 111 11.24 -3.96 -11.33
N GLU A 112 12.16 -3.29 -10.63
CA GLU A 112 13.19 -2.47 -11.29
C GLU A 112 14.26 -3.22 -12.10
N ASP A 113 14.53 -4.48 -11.75
CA ASP A 113 15.65 -5.24 -12.35
C ASP A 113 15.29 -5.90 -13.70
N LYS A 114 15.79 -5.33 -14.79
CA LYS A 114 15.44 -5.76 -16.15
C LYS A 114 15.76 -7.22 -16.44
N GLN A 115 16.95 -7.66 -16.03
CA GLN A 115 17.33 -9.05 -16.23
C GLN A 115 16.43 -10.00 -15.42
N GLU A 116 15.98 -9.57 -14.24
CA GLU A 116 15.11 -10.39 -13.42
C GLU A 116 13.75 -10.60 -14.10
N MET A 117 13.21 -9.52 -14.67
CA MET A 117 11.96 -9.59 -15.42
C MET A 117 12.05 -10.57 -16.59
N VAL A 118 13.18 -10.60 -17.28
CA VAL A 118 13.38 -11.54 -18.37
C VAL A 118 13.37 -12.98 -17.85
N ASP A 119 14.04 -13.19 -16.72
CA ASP A 119 14.08 -14.49 -16.05
C ASP A 119 12.69 -14.99 -15.67
N ILE A 120 11.91 -14.11 -15.06
CA ILE A 120 10.55 -14.48 -14.67
C ILE A 120 9.69 -14.82 -15.88
N ILE A 121 9.71 -13.93 -16.89
CA ILE A 121 8.93 -14.10 -18.11
C ILE A 121 9.35 -15.38 -18.83
N GLU A 122 10.66 -15.64 -18.84
CA GLU A 122 11.14 -16.86 -19.45
C GLU A 122 10.72 -18.08 -18.62
N THR A 123 10.76 -17.98 -17.28
CA THR A 123 10.33 -19.12 -16.44
C THR A 123 8.85 -19.45 -16.68
N VAL A 124 8.02 -18.40 -16.67
CA VAL A 124 6.59 -18.58 -16.92
C VAL A 124 6.37 -19.27 -18.24
N TYR A 125 7.07 -18.81 -19.27
CA TYR A 125 6.95 -19.40 -20.60
C TYR A 125 7.30 -20.90 -20.60
N ARG A 126 8.48 -21.23 -20.13
CA ARG A 126 8.86 -22.65 -20.08
C ARG A 126 7.93 -23.48 -19.19
N GLY A 127 7.54 -22.92 -18.05
CA GLY A 127 6.58 -23.60 -17.19
C GLY A 127 5.22 -23.83 -17.87
N ALA A 128 4.69 -22.79 -18.52
CA ALA A 128 3.33 -22.86 -19.06
C ALA A 128 3.29 -23.81 -20.25
N ARG A 129 4.34 -23.75 -21.07
CA ARG A 129 4.54 -24.71 -22.15
C ARG A 129 4.59 -26.13 -21.59
N LYS A 130 5.41 -26.35 -20.56
CA LYS A 130 5.51 -27.67 -19.91
C LYS A 130 4.20 -28.07 -19.27
N GLY A 131 3.27 -27.12 -19.13
CA GLY A 131 1.93 -27.43 -18.67
C GLY A 131 1.57 -27.01 -17.25
N ARG A 132 2.57 -26.57 -16.47
CA ARG A 132 2.29 -26.08 -15.12
C ARG A 132 1.41 -24.82 -15.20
N GLY A 133 0.50 -24.67 -14.24
CA GLY A 133 -0.28 -23.44 -14.11
C GLY A 133 0.39 -22.52 -13.10
N LEU A 134 1.57 -22.96 -12.65
CA LEU A 134 2.28 -22.38 -11.51
C LEU A 134 3.80 -22.56 -11.65
N VAL A 135 4.55 -21.48 -11.46
CA VAL A 135 5.99 -21.53 -11.45
C VAL A 135 6.42 -20.59 -10.36
N VAL A 136 7.71 -20.59 -10.02
CA VAL A 136 8.22 -19.72 -8.98
C VAL A 136 9.33 -18.85 -9.54
N SER A 137 9.34 -17.58 -9.15
CA SER A 137 10.37 -16.65 -9.57
C SER A 137 11.70 -17.01 -8.95
N PRO A 138 12.79 -16.88 -9.74
CA PRO A 138 14.13 -17.28 -9.29
C PRO A 138 14.53 -16.59 -7.98
N LYS A 139 14.11 -15.34 -7.84
CA LYS A 139 14.36 -14.55 -6.63
C LYS A 139 13.10 -14.56 -5.75
N ASP A 140 13.29 -14.67 -4.44
CA ASP A 140 12.22 -14.48 -3.45
C ASP A 140 12.11 -12.99 -3.19
N TYR A 141 10.89 -12.45 -3.22
CA TYR A 141 10.70 -11.00 -3.16
C TYR A 141 10.11 -10.49 -1.85
N SER A 142 10.28 -11.25 -0.76
CA SER A 142 10.01 -10.76 0.60
C SER A 142 11.31 -10.47 1.33
N PRO B 10 -0.56 -26.94 0.62
CA PRO B 10 -1.17 -26.26 1.78
C PRO B 10 -2.69 -26.12 1.67
N LEU B 11 -3.32 -25.65 2.74
CA LEU B 11 -4.75 -25.37 2.73
C LEU B 11 -5.08 -23.99 2.21
N PHE B 12 -6.10 -23.92 1.37
CA PHE B 12 -6.64 -22.63 0.93
C PHE B 12 -5.69 -21.87 0.02
N GLN B 13 -5.01 -22.60 -0.86
CA GLN B 13 -4.14 -22.02 -1.88
C GLN B 13 -4.88 -21.14 -2.90
N GLN B 14 -4.31 -19.96 -3.14
CA GLN B 14 -4.79 -19.02 -4.16
C GLN B 14 -5.10 -19.73 -5.46
N ARG B 15 -6.24 -19.38 -6.05
CA ARG B 15 -6.64 -20.02 -7.29
C ARG B 15 -6.37 -19.06 -8.45
N PRO B 16 -6.28 -19.59 -9.68
CA PRO B 16 -6.03 -18.65 -10.78
C PRO B 16 -7.32 -17.93 -11.17
N TYR B 17 -7.20 -16.62 -11.40
CA TYR B 17 -8.23 -15.82 -12.08
C TYR B 17 -8.72 -16.46 -13.38
N PRO B 18 -9.98 -16.15 -13.79
CA PRO B 18 -10.47 -16.64 -15.08
C PRO B 18 -9.81 -15.90 -16.25
N SER B 19 -10.01 -16.37 -17.47
CA SER B 19 -9.46 -15.70 -18.66
C SER B 19 -10.32 -14.49 -19.02
N PRO B 20 -9.77 -13.55 -19.84
CA PRO B 20 -10.53 -12.33 -20.17
C PRO B 20 -11.86 -12.64 -20.82
N GLY B 21 -11.88 -13.58 -21.77
CA GLY B 21 -13.13 -14.08 -22.33
C GLY B 21 -14.13 -14.48 -21.25
N ALA B 22 -13.70 -15.32 -20.32
CA ALA B 22 -14.62 -15.80 -19.29
C ALA B 22 -15.07 -14.68 -18.36
N VAL B 23 -14.15 -13.76 -18.06
CA VAL B 23 -14.51 -12.59 -17.26
C VAL B 23 -15.62 -11.84 -17.96
N LEU B 24 -15.39 -11.47 -19.22
CA LEU B 24 -16.34 -10.71 -20.00
C LEU B 24 -17.68 -11.40 -20.07
N ARG B 25 -17.68 -12.70 -20.37
CA ARG B 25 -18.91 -13.51 -20.32
C ARG B 25 -19.63 -13.42 -18.97
N ALA B 26 -18.87 -13.41 -17.86
CA ALA B 26 -19.48 -13.36 -16.50
C ALA B 26 -20.14 -12.00 -16.26
N ASN B 27 -19.44 -10.93 -16.63
CA ASN B 27 -20.02 -9.59 -16.59
C ASN B 27 -21.33 -9.54 -17.38
N ALA B 28 -21.33 -10.17 -18.56
CA ALA B 28 -22.54 -10.21 -19.39
C ALA B 28 -23.65 -10.95 -18.64
N GLU B 29 -23.31 -12.10 -18.04
CA GLU B 29 -24.22 -12.86 -17.17
C GLU B 29 -24.83 -12.00 -16.06
N ALA B 30 -23.98 -11.27 -15.34
CA ALA B 30 -24.43 -10.40 -14.23
C ALA B 30 -25.49 -9.35 -14.63
N SER B 31 -25.46 -8.89 -15.87
CA SER B 31 -26.37 -7.83 -16.33
C SER B 31 -27.82 -8.29 -16.51
N HIS C 6 19.94 -25.56 -35.66
CA HIS C 6 20.01 -25.35 -34.22
C HIS C 6 21.18 -24.46 -33.78
N HIS C 7 20.90 -23.21 -33.41
CA HIS C 7 21.93 -22.16 -33.45
C HIS C 7 22.61 -21.78 -32.16
N HIS C 8 21.98 -22.01 -31.03
CA HIS C 8 22.59 -21.55 -29.79
C HIS C 8 23.21 -22.69 -28.99
N MET C 9 24.22 -22.38 -28.20
CA MET C 9 24.69 -23.34 -27.19
C MET C 9 23.60 -23.52 -26.14
N ASP C 10 23.29 -24.77 -25.83
CA ASP C 10 22.30 -25.08 -24.78
C ASP C 10 22.61 -24.45 -23.41
N VAL C 11 21.57 -24.32 -22.58
CA VAL C 11 21.67 -23.68 -21.27
C VAL C 11 22.67 -24.42 -20.38
N MET C 12 23.58 -23.67 -19.77
CA MET C 12 24.64 -24.26 -18.97
C MET C 12 24.71 -23.56 -17.62
N TRP C 13 24.98 -24.34 -16.57
CA TRP C 13 24.93 -23.81 -15.20
C TRP C 13 26.27 -23.82 -14.48
N GLU C 14 26.43 -22.87 -13.58
CA GLU C 14 27.53 -22.87 -12.63
C GLU C 14 26.97 -22.55 -11.24
N TYR C 15 27.57 -23.10 -10.19
CA TYR C 15 27.13 -22.77 -8.84
C TYR C 15 28.25 -22.52 -7.86
N LYS C 16 27.88 -22.03 -6.68
CA LYS C 16 28.77 -22.04 -5.52
C LYS C 16 27.96 -22.50 -4.29
N TRP C 17 28.65 -22.96 -3.25
CA TRP C 17 27.96 -23.55 -2.10
C TRP C 17 27.50 -22.49 -1.13
N GLU C 18 28.25 -21.40 -1.06
CA GLU C 18 27.85 -20.25 -0.28
C GLU C 18 27.84 -18.99 -1.13
N ASN C 19 26.87 -18.13 -0.86
CA ASN C 19 26.63 -16.94 -1.66
C ASN C 19 27.57 -15.81 -1.30
N THR C 20 28.84 -15.94 -1.69
CA THR C 20 29.87 -14.91 -1.45
C THR C 20 30.77 -14.74 -2.67
N GLY C 21 31.66 -13.76 -2.60
CA GLY C 21 32.59 -13.50 -3.69
C GLY C 21 33.85 -14.34 -3.62
N ASP C 22 34.13 -14.89 -2.43
CA ASP C 22 35.33 -15.70 -2.22
C ASP C 22 35.06 -17.18 -2.38
N ALA C 23 33.80 -17.58 -2.21
CA ALA C 23 33.39 -18.98 -2.33
C ALA C 23 33.78 -19.54 -3.70
N GLU C 24 33.96 -20.85 -3.76
CA GLU C 24 34.44 -21.50 -4.97
C GLU C 24 33.33 -21.79 -6.00
N LEU C 25 33.61 -21.47 -7.27
CA LEU C 25 32.68 -21.71 -8.39
C LEU C 25 32.85 -23.08 -9.04
N TYR C 26 31.74 -23.70 -9.42
CA TYR C 26 31.74 -25.06 -9.96
C TYR C 26 30.95 -25.08 -11.24
N GLY C 27 31.55 -25.55 -12.31
CA GLY C 27 30.91 -25.50 -13.62
C GLY C 27 31.85 -25.72 -14.78
N PRO C 28 31.28 -25.89 -15.98
CA PRO C 28 29.84 -25.83 -16.25
C PRO C 28 29.09 -27.18 -16.31
N PHE C 29 27.84 -27.18 -15.86
CA PHE C 29 27.02 -28.39 -15.89
C PHE C 29 25.75 -28.17 -16.71
N THR C 30 25.28 -29.24 -17.36
CA THR C 30 24.01 -29.22 -18.06
C THR C 30 22.84 -29.10 -17.08
N SER C 31 21.66 -28.79 -17.61
CA SER C 31 20.47 -28.68 -16.80
C SER C 31 20.08 -30.03 -16.21
N ALA C 32 20.34 -31.11 -16.95
CA ALA C 32 19.97 -32.43 -16.50
C ALA C 32 20.98 -32.91 -15.46
N GLN C 33 22.18 -32.37 -15.52
CA GLN C 33 23.16 -32.68 -14.50
C GLN C 33 22.68 -32.06 -13.19
N MET C 34 22.46 -30.75 -13.22
CA MET C 34 21.94 -30.05 -12.06
C MET C 34 20.68 -30.70 -11.50
N GLN C 35 19.79 -31.12 -12.39
CA GLN C 35 18.53 -31.73 -11.94
C GLN C 35 18.77 -33.10 -11.30
N THR C 36 19.78 -33.81 -11.79
CA THR C 36 20.11 -35.11 -11.20
C THR C 36 20.57 -34.90 -9.76
N TRP C 37 21.56 -34.04 -9.59
CA TRP C 37 22.07 -33.67 -8.27
C TRP C 37 20.99 -33.21 -7.29
N VAL C 38 19.99 -32.48 -7.76
CA VAL C 38 18.87 -32.07 -6.89
C VAL C 38 18.07 -33.30 -6.44
N SER C 39 17.56 -34.05 -7.41
CA SER C 39 16.72 -35.20 -7.07
C SER C 39 17.50 -36.41 -6.52
N GLU C 40 18.70 -36.18 -6.03
CA GLU C 40 19.50 -37.23 -5.40
C GLU C 40 20.10 -36.75 -4.08
N GLY C 41 19.72 -35.57 -3.65
CA GLY C 41 20.10 -35.12 -2.32
C GLY C 41 21.38 -34.32 -2.20
N TYR C 42 22.04 -34.03 -3.32
CA TYR C 42 23.32 -33.32 -3.25
C TYR C 42 23.20 -31.88 -2.78
N PHE C 43 22.03 -31.29 -2.90
CA PHE C 43 21.86 -29.91 -2.48
C PHE C 43 20.67 -29.75 -1.54
N PRO C 44 20.76 -30.33 -0.33
CA PRO C 44 19.63 -30.32 0.61
C PRO C 44 19.28 -28.89 1.03
N ASP C 45 20.29 -28.08 1.30
CA ASP C 45 20.08 -26.69 1.68
C ASP C 45 20.23 -25.78 0.47
N GLY C 46 20.19 -26.37 -0.72
CA GLY C 46 20.32 -25.62 -1.96
C GLY C 46 21.71 -25.06 -2.21
N VAL C 47 21.98 -24.68 -3.47
CA VAL C 47 23.20 -23.94 -3.82
C VAL C 47 22.87 -22.65 -4.56
N TYR C 48 23.84 -21.76 -4.61
CA TYR C 48 23.69 -20.53 -5.35
C TYR C 48 24.22 -20.72 -6.77
N CYS C 49 23.29 -20.86 -7.71
CA CYS C 49 23.63 -21.19 -9.07
C CYS C 49 23.19 -20.10 -10.03
N ARG C 50 23.61 -20.21 -11.29
CA ARG C 50 23.15 -19.32 -12.38
C ARG C 50 23.41 -19.91 -13.76
N LYS C 51 22.64 -19.44 -14.75
CA LYS C 51 22.95 -19.70 -16.16
C LYS C 51 24.19 -18.92 -16.58
N LEU C 52 24.97 -19.52 -17.47
CA LEU C 52 26.22 -18.91 -17.92
C LEU C 52 26.03 -17.93 -19.07
N ASP C 53 24.94 -18.07 -19.80
CA ASP C 53 24.64 -17.14 -20.90
C ASP C 53 23.29 -16.44 -20.68
N PRO C 54 23.31 -15.09 -20.59
CA PRO C 54 24.48 -14.20 -20.68
C PRO C 54 25.36 -14.17 -19.41
N PRO C 55 26.66 -13.89 -19.58
CA PRO C 55 27.69 -13.85 -18.54
C PRO C 55 27.48 -12.76 -17.47
N GLY C 56 26.56 -11.83 -17.72
CA GLY C 56 26.17 -10.87 -16.70
C GLY C 56 25.00 -11.44 -15.91
N GLY C 57 25.30 -12.15 -14.82
CA GLY C 57 24.26 -12.89 -14.12
C GLY C 57 24.32 -12.80 -12.61
N GLN C 58 23.15 -12.72 -11.99
CA GLN C 58 23.09 -12.81 -10.54
C GLN C 58 22.89 -14.28 -10.21
N PHE C 59 23.12 -14.62 -8.94
CA PHE C 59 23.00 -15.99 -8.46
C PHE C 59 21.65 -16.20 -7.80
N TYR C 60 21.06 -17.36 -8.04
CA TYR C 60 19.75 -17.70 -7.47
C TYR C 60 19.84 -18.98 -6.63
N ASN C 61 19.10 -19.03 -5.53
CA ASN C 61 19.02 -20.25 -4.75
C ASN C 61 18.33 -21.32 -5.59
N SER C 62 19.03 -22.42 -5.82
CA SER C 62 18.55 -23.50 -6.67
C SER C 62 17.23 -24.12 -6.22
N LYS C 63 16.84 -23.86 -4.98
CA LYS C 63 15.57 -24.39 -4.49
C LYS C 63 14.43 -23.75 -5.28
N ARG C 64 14.59 -22.47 -5.60
CA ARG C 64 13.62 -21.77 -6.43
C ARG C 64 13.73 -22.09 -7.93
N ILE C 65 14.82 -22.73 -8.36
CA ILE C 65 15.00 -23.10 -9.77
C ILE C 65 14.42 -24.48 -10.09
N ASP C 66 13.73 -24.61 -11.21
CA ASP C 66 13.26 -25.91 -11.70
C ASP C 66 14.06 -26.26 -12.96
N PHE C 67 15.05 -27.12 -12.80
CA PHE C 67 15.93 -27.47 -13.89
C PHE C 67 15.20 -28.31 -14.94
N ASP C 68 14.22 -29.10 -14.51
CA ASP C 68 13.42 -29.93 -15.42
C ASP C 68 12.64 -29.11 -16.45
N LEU C 69 12.67 -27.79 -16.32
CA LEU C 69 12.07 -26.91 -17.30
C LEU C 69 13.01 -26.73 -18.49
N TYR C 70 14.28 -27.03 -18.25
CA TYR C 70 15.34 -26.74 -19.22
C TYR C 70 15.89 -28.03 -19.81
N THR C 71 15.11 -29.10 -19.65
CA THR C 71 15.53 -30.43 -20.06
C THR C 71 14.46 -31.13 -20.89
N LEU D 10 -7.98 -1.12 26.41
CA LEU D 10 -8.79 -0.13 25.69
C LEU D 10 -10.28 -0.48 25.68
N PRO D 11 -11.09 0.43 26.21
CA PRO D 11 -12.53 0.16 26.41
C PRO D 11 -13.27 -0.03 25.09
N HIS D 12 -14.32 -0.86 25.12
CA HIS D 12 -15.13 -1.17 23.96
C HIS D 12 -16.54 -0.60 24.06
N LEU D 13 -17.10 -0.18 22.92
CA LEU D 13 -18.51 0.17 22.84
C LEU D 13 -19.24 -0.95 22.10
N HIS D 14 -20.32 -1.45 22.68
CA HIS D 14 -20.88 -2.74 22.26
C HIS D 14 -22.20 -2.70 21.50
N ASN D 15 -22.84 -1.54 21.45
CA ASN D 15 -24.00 -1.34 20.58
C ASN D 15 -24.24 0.13 20.22
N GLY D 16 -25.24 0.40 19.41
CA GLY D 16 -25.52 1.77 19.01
C GLY D 16 -25.74 2.73 20.16
N TRP D 17 -26.44 2.27 21.21
CA TRP D 17 -26.80 3.14 22.32
C TRP D 17 -25.57 3.54 23.12
N GLN D 18 -24.67 2.57 23.39
CA GLN D 18 -23.40 2.85 24.07
C GLN D 18 -22.51 3.87 23.30
N VAL D 19 -22.39 3.70 21.99
CA VAL D 19 -21.65 4.67 21.17
C VAL D 19 -22.25 6.06 21.35
N ASP D 20 -23.56 6.19 21.23
CA ASP D 20 -24.22 7.48 21.48
C ASP D 20 -23.93 7.99 22.88
N GLN D 21 -23.99 7.11 23.87
CA GLN D 21 -23.65 7.53 25.23
C GLN D 21 -22.20 8.05 25.34
N ALA D 22 -21.25 7.36 24.71
CA ALA D 22 -19.87 7.76 24.70
C ALA D 22 -19.63 9.16 24.11
N ILE D 23 -20.37 9.51 23.06
CA ILE D 23 -20.18 10.79 22.36
C ILE D 23 -20.79 11.93 23.16
N LEU D 24 -21.93 11.66 23.80
CA LEU D 24 -22.62 12.67 24.58
C LEU D 24 -21.99 12.85 25.96
N SER D 25 -21.07 11.97 26.34
CA SER D 25 -20.54 11.96 27.69
C SER D 25 -19.38 12.95 27.92
N GLU D 26 -18.82 13.51 26.84
CA GLU D 26 -17.64 14.37 26.96
C GLU D 26 -17.90 15.82 26.57
N GLU D 27 -17.87 16.73 27.54
CA GLU D 27 -18.03 18.14 27.21
C GLU D 27 -16.70 18.79 26.87
N ASP D 28 -15.59 18.11 27.14
CA ASP D 28 -14.29 18.76 27.02
C ASP D 28 -13.19 17.86 26.52
N ARG D 29 -13.56 16.75 25.88
CA ARG D 29 -12.54 15.88 25.30
C ARG D 29 -12.97 15.35 23.94
N VAL D 30 -11.97 15.23 23.07
CA VAL D 30 -12.14 14.57 21.80
C VAL D 30 -12.44 13.12 22.06
N VAL D 31 -13.55 12.63 21.51
CA VAL D 31 -13.85 11.21 21.58
C VAL D 31 -13.29 10.58 20.32
N VAL D 32 -12.29 9.72 20.48
CA VAL D 32 -11.63 9.04 19.36
C VAL D 32 -12.20 7.63 19.26
N ILE D 33 -12.70 7.25 18.09
CA ILE D 33 -13.27 5.91 17.92
C ILE D 33 -12.54 5.14 16.84
N ARG D 34 -12.22 3.87 17.12
CA ARG D 34 -11.66 2.99 16.12
C ARG D 34 -12.68 1.93 15.70
N PHE D 35 -13.13 2.01 14.45
CA PHE D 35 -14.05 1.03 13.89
C PHE D 35 -13.29 -0.05 13.13
N GLY D 36 -13.45 -1.29 13.55
CA GLY D 36 -12.74 -2.37 12.89
C GLY D 36 -12.95 -3.67 13.64
N HIS D 37 -11.86 -4.39 13.89
CA HIS D 37 -11.93 -5.69 14.55
C HIS D 37 -10.58 -5.95 15.20
N ASP D 38 -10.58 -6.29 16.48
CA ASP D 38 -9.35 -6.45 17.25
C ASP D 38 -8.37 -7.42 16.64
N TRP D 39 -8.88 -8.37 15.87
CA TRP D 39 -8.04 -9.41 15.29
C TRP D 39 -7.50 -9.01 13.93
N ASP D 40 -7.95 -7.88 13.40
CA ASP D 40 -7.46 -7.38 12.11
C ASP D 40 -6.07 -6.72 12.22
N PRO D 41 -5.16 -7.08 11.29
CA PRO D 41 -3.75 -6.64 11.30
C PRO D 41 -3.57 -5.12 11.34
N THR D 42 -4.26 -4.42 10.45
CA THR D 42 -4.24 -2.96 10.45
C THR D 42 -4.74 -2.43 11.78
N CYS D 43 -5.82 -3.01 12.28
CA CYS D 43 -6.39 -2.60 13.57
C CYS D 43 -5.45 -2.90 14.72
N MET D 44 -4.70 -3.98 14.61
CA MET D 44 -3.78 -4.35 15.67
C MET D 44 -2.67 -3.32 15.83
N LYS D 45 -2.03 -2.95 14.72
CA LYS D 45 -1.03 -1.91 14.72
C LYS D 45 -1.63 -0.63 15.26
N MET D 46 -2.72 -0.19 14.66
CA MET D 46 -3.41 1.02 15.11
C MET D 46 -3.75 0.94 16.60
N ASP D 47 -4.22 -0.22 17.06
CA ASP D 47 -4.57 -0.41 18.47
C ASP D 47 -3.36 -0.21 19.42
N GLU D 48 -2.18 -0.68 19.04
CA GLU D 48 -0.99 -0.51 19.89
C GLU D 48 -0.62 0.95 20.08
N VAL D 49 -0.52 1.64 18.96
CA VAL D 49 -0.30 3.08 18.94
C VAL D 49 -1.33 3.79 19.82
N LEU D 50 -2.60 3.48 19.58
CA LEU D 50 -3.69 4.10 20.35
C LEU D 50 -3.54 3.85 21.84
N TYR D 51 -3.17 2.62 22.20
CA TYR D 51 -3.03 2.28 23.62
C TYR D 51 -1.78 2.91 24.25
N SER D 52 -0.70 3.01 23.50
CA SER D 52 0.53 3.51 24.10
C SER D 52 0.53 5.04 24.26
N ILE D 53 -0.44 5.70 23.64
CA ILE D 53 -0.55 7.16 23.78
C ILE D 53 -1.77 7.60 24.61
N ALA D 54 -2.64 6.64 24.92
CA ALA D 54 -3.85 6.93 25.72
C ALA D 54 -3.54 7.80 26.93
N GLU D 55 -2.55 7.39 27.70
CA GLU D 55 -2.16 8.10 28.91
C GLU D 55 -1.79 9.55 28.64
N LYS D 56 -0.95 9.77 27.64
CA LYS D 56 -0.49 11.12 27.28
C LYS D 56 -1.63 12.08 26.90
N VAL D 57 -2.68 11.58 26.25
CA VAL D 57 -3.73 12.46 25.72
C VAL D 57 -4.94 12.57 26.65
N LYS D 58 -4.84 11.87 27.78
CA LYS D 58 -5.91 11.72 28.76
C LYS D 58 -6.66 13.00 29.16
N ASN D 59 -5.99 14.15 29.09
CA ASN D 59 -6.64 15.39 29.50
C ASN D 59 -7.53 15.99 28.42
N PHE D 60 -7.27 15.64 27.15
CA PHE D 60 -8.00 16.21 26.03
C PHE D 60 -8.60 15.17 25.09
N ALA D 61 -8.46 13.90 25.42
CA ALA D 61 -8.92 12.86 24.51
C ALA D 61 -9.21 11.54 25.24
N VAL D 62 -10.32 10.90 24.88
CA VAL D 62 -10.64 9.56 25.34
C VAL D 62 -10.86 8.66 24.13
N ILE D 63 -10.45 7.40 24.24
CA ILE D 63 -10.47 6.48 23.12
C ILE D 63 -11.39 5.29 23.40
N TYR D 64 -12.17 4.86 22.40
CA TYR D 64 -13.01 3.68 22.52
C TYR D 64 -12.88 2.82 21.27
N LEU D 65 -13.06 1.51 21.42
CA LEU D 65 -12.99 0.64 20.26
C LEU D 65 -14.38 0.10 19.93
N VAL D 66 -14.78 0.24 18.67
CA VAL D 66 -16.05 -0.31 18.22
C VAL D 66 -15.83 -1.38 17.16
N ASP D 67 -16.43 -2.55 17.37
CA ASP D 67 -16.41 -3.67 16.40
C ASP D 67 -17.59 -3.59 15.46
N ILE D 68 -17.33 -3.44 14.17
CA ILE D 68 -18.37 -3.10 13.22
C ILE D 68 -19.17 -4.30 12.65
N THR D 69 -18.87 -5.50 13.13
CA THR D 69 -19.80 -6.62 12.96
C THR D 69 -20.82 -6.60 14.10
N GLU D 70 -20.33 -6.34 15.30
CA GLU D 70 -21.14 -6.31 16.49
C GLU D 70 -21.97 -5.02 16.53
N VAL D 71 -21.38 -3.90 16.10
CA VAL D 71 -22.10 -2.63 15.99
C VAL D 71 -22.05 -2.10 14.52
N PRO D 72 -22.95 -2.58 13.65
CA PRO D 72 -22.82 -2.22 12.24
C PRO D 72 -23.59 -0.96 11.87
N ASP D 73 -24.27 -0.34 12.84
CA ASP D 73 -25.17 0.79 12.58
C ASP D 73 -24.58 2.01 11.87
N PHE D 74 -23.27 2.13 11.83
CA PHE D 74 -22.67 3.35 11.31
C PHE D 74 -21.98 3.02 10.03
N ASN D 75 -22.01 1.73 9.69
CA ASN D 75 -21.27 1.22 8.55
C ASN D 75 -21.56 1.95 7.25
N LYS D 76 -22.83 2.31 6.99
CA LYS D 76 -23.13 2.93 5.72
C LYS D 76 -22.91 4.42 5.75
N MET D 77 -23.42 5.10 6.77
CA MET D 77 -23.28 6.55 6.80
C MET D 77 -21.85 7.02 7.08
N TYR D 78 -21.03 6.20 7.72
CA TYR D 78 -19.63 6.60 7.92
C TYR D 78 -18.74 5.87 6.93
N GLU D 79 -19.35 5.03 6.08
CA GLU D 79 -18.65 4.45 4.93
C GLU D 79 -17.43 3.63 5.36
N LEU D 80 -17.66 2.77 6.34
CA LEU D 80 -16.58 2.01 6.95
C LEU D 80 -16.23 0.78 6.14
N TYR D 81 -15.66 0.99 4.96
CA TYR D 81 -15.24 -0.15 4.12
C TYR D 81 -13.74 -0.45 4.24
N ASP D 82 -13.07 0.29 5.12
CA ASP D 82 -11.68 0.06 5.43
C ASP D 82 -11.52 -0.88 6.63
N PRO D 83 -10.47 -1.74 6.59
CA PRO D 83 -10.27 -2.67 7.71
C PRO D 83 -10.18 -1.89 9.00
N CYS D 84 -9.54 -0.73 8.97
CA CYS D 84 -9.38 0.13 10.15
C CYS D 84 -9.80 1.56 9.86
N THR D 85 -10.60 2.14 10.75
CA THR D 85 -11.02 3.52 10.60
C THR D 85 -10.90 4.16 11.97
N VAL D 86 -10.26 5.33 12.05
CA VAL D 86 -10.26 6.12 13.26
C VAL D 86 -10.92 7.46 12.96
N MET D 87 -11.85 7.89 13.82
CA MET D 87 -12.58 9.15 13.62
C MET D 87 -12.68 9.97 14.89
N PHE D 88 -12.91 11.27 14.77
CA PHE D 88 -12.82 12.14 15.91
C PHE D 88 -14.13 12.90 16.16
N PHE D 89 -14.57 12.95 17.41
CA PHE D 89 -15.80 13.70 17.72
C PHE D 89 -15.54 14.68 18.83
N PHE D 90 -16.33 15.74 18.86
CA PHE D 90 -16.17 16.69 19.92
C PHE D 90 -17.48 17.41 20.16
N ARG D 91 -17.97 17.33 21.40
CA ARG D 91 -19.27 17.88 21.76
C ARG D 91 -20.30 17.49 20.73
N ASN D 92 -20.37 16.19 20.43
CA ASN D 92 -21.43 15.67 19.56
C ASN D 92 -21.33 16.04 18.07
N LYS D 93 -20.19 16.59 17.68
CA LYS D 93 -19.94 16.90 16.29
C LYS D 93 -18.71 16.15 15.75
N HIS D 94 -18.87 15.54 14.60
CA HIS D 94 -17.79 14.89 13.90
C HIS D 94 -16.80 15.95 13.40
N ILE D 95 -15.51 15.76 13.68
CA ILE D 95 -14.51 16.75 13.34
C ILE D 95 -13.59 16.20 12.26
N MET D 96 -13.48 16.94 11.16
CA MET D 96 -12.68 16.49 10.02
C MET D 96 -11.20 16.88 10.17
N ILE D 97 -10.31 16.03 9.65
CA ILE D 97 -8.88 16.39 9.51
C ILE D 97 -8.44 16.36 8.06
N ASP D 98 -7.83 17.44 7.59
CA ASP D 98 -7.20 17.43 6.26
C ASP D 98 -5.81 16.80 6.40
N LEU D 99 -5.67 15.59 5.89
CA LEU D 99 -4.43 14.80 6.02
C LEU D 99 -3.64 14.78 4.70
N GLY D 100 -4.08 15.57 3.73
CA GLY D 100 -3.50 15.48 2.39
C GLY D 100 -3.71 14.09 1.82
N THR D 101 -4.95 13.61 1.90
CA THR D 101 -5.29 12.26 1.48
C THR D 101 -6.45 12.28 0.52
N GLY D 102 -7.17 13.40 0.49
CA GLY D 102 -8.44 13.45 -0.23
C GLY D 102 -9.59 12.99 0.65
N ASN D 103 -9.28 12.26 1.72
CA ASN D 103 -10.31 11.87 2.68
C ASN D 103 -10.14 12.66 3.96
N ASN D 104 -11.05 13.61 4.17
CA ASN D 104 -10.97 14.45 5.36
C ASN D 104 -11.87 13.98 6.50
N ASN D 105 -12.50 12.82 6.32
CA ASN D 105 -13.44 12.29 7.30
C ASN D 105 -12.92 11.23 8.29
N LYS D 106 -11.73 10.70 8.05
CA LYS D 106 -11.22 9.59 8.83
C LYS D 106 -9.75 9.34 8.52
N ILE D 107 -9.02 8.79 9.48
CA ILE D 107 -7.71 8.22 9.19
C ILE D 107 -7.98 6.76 8.98
N ASN D 108 -7.67 6.24 7.80
CA ASN D 108 -8.00 4.85 7.54
C ASN D 108 -6.81 3.98 7.18
N TRP D 109 -5.70 4.18 7.89
CA TRP D 109 -4.52 3.33 7.69
C TRP D 109 -3.76 3.24 9.00
N ALA D 110 -2.96 2.20 9.14
CA ALA D 110 -2.21 2.02 10.37
C ALA D 110 -1.09 3.06 10.48
N MET D 111 -1.40 4.17 11.14
CA MET D 111 -0.44 5.25 11.35
C MET D 111 0.57 4.92 12.43
N GLU D 112 1.75 4.47 12.00
CA GLU D 112 2.76 3.90 12.90
C GLU D 112 3.31 4.87 13.97
N ASP D 113 3.79 6.03 13.55
CA ASP D 113 4.44 6.99 14.46
C ASP D 113 3.53 7.46 15.59
N LYS D 114 3.88 7.08 16.82
CA LYS D 114 3.02 7.34 17.99
C LYS D 114 2.91 8.82 18.30
N GLN D 115 4.04 9.51 18.27
CA GLN D 115 4.06 10.94 18.52
C GLN D 115 3.24 11.67 17.45
N GLU D 116 3.27 11.16 16.22
CA GLU D 116 2.47 11.76 15.16
C GLU D 116 1.00 11.80 15.56
N MET D 117 0.51 10.69 16.08
CA MET D 117 -0.89 10.58 16.48
C MET D 117 -1.24 11.53 17.63
N VAL D 118 -0.34 11.68 18.60
CA VAL D 118 -0.58 12.63 19.67
C VAL D 118 -0.77 14.03 19.11
N ASP D 119 0.08 14.40 18.14
CA ASP D 119 0.01 15.72 17.54
C ASP D 119 -1.32 15.98 16.84
N ILE D 120 -1.74 15.03 16.00
CA ILE D 120 -3.02 15.11 15.31
C ILE D 120 -4.16 15.23 16.30
N ILE D 121 -4.17 14.39 17.34
CA ILE D 121 -5.21 14.43 18.37
C ILE D 121 -5.23 15.76 19.11
N GLU D 122 -4.05 16.28 19.43
CA GLU D 122 -4.00 17.58 20.08
C GLU D 122 -4.48 18.67 19.11
N THR D 123 -4.10 18.55 17.83
CA THR D 123 -4.59 19.52 16.84
C THR D 123 -6.10 19.53 16.76
N VAL D 124 -6.69 18.33 16.63
CA VAL D 124 -8.14 18.20 16.47
C VAL D 124 -8.83 18.80 17.67
N TYR D 125 -8.27 18.51 18.85
CA TYR D 125 -8.80 19.02 20.11
C TYR D 125 -8.81 20.55 20.21
N ARG D 126 -7.70 21.18 19.85
CA ARG D 126 -7.62 22.64 19.92
C ARG D 126 -8.45 23.32 18.83
N GLY D 127 -8.47 22.73 17.63
CA GLY D 127 -9.34 23.23 16.59
C GLY D 127 -10.80 23.18 17.03
N ALA D 128 -11.23 22.03 17.52
CA ALA D 128 -12.65 21.85 17.83
C ALA D 128 -13.10 22.82 18.92
N ARG D 129 -12.34 22.90 20.01
CA ARG D 129 -12.52 23.91 21.06
C ARG D 129 -12.74 25.30 20.50
N LYS D 130 -11.86 25.72 19.60
CA LYS D 130 -11.93 27.07 19.06
C LYS D 130 -13.01 27.16 17.98
N GLY D 131 -13.63 26.03 17.67
CA GLY D 131 -14.86 26.05 16.87
C GLY D 131 -14.77 25.70 15.40
N ARG D 132 -13.56 25.46 14.90
CA ARG D 132 -13.39 24.95 13.55
C ARG D 132 -14.10 23.60 13.43
N GLY D 133 -14.48 23.21 12.22
CA GLY D 133 -14.98 21.86 11.95
C GLY D 133 -13.89 21.07 11.25
N LEU D 134 -12.88 21.79 10.76
CA LEU D 134 -11.74 21.24 10.03
C LEU D 134 -10.40 21.70 10.63
N VAL D 135 -9.41 20.81 10.68
CA VAL D 135 -8.06 21.16 11.07
C VAL D 135 -7.12 20.39 10.15
N VAL D 136 -5.92 20.95 9.94
CA VAL D 136 -4.92 20.29 9.10
C VAL D 136 -3.98 19.49 9.97
N SER D 137 -3.70 18.25 9.57
CA SER D 137 -2.65 17.47 10.23
C SER D 137 -1.27 18.05 9.90
N PRO D 138 -0.34 18.00 10.87
CA PRO D 138 1.00 18.57 10.70
C PRO D 138 1.74 17.99 9.51
N LYS D 139 1.71 16.67 9.38
CA LYS D 139 2.40 15.96 8.30
C LYS D 139 1.45 15.74 7.14
N ASP D 140 1.96 15.93 5.92
CA ASP D 140 1.22 15.58 4.71
C ASP D 140 1.41 14.09 4.41
N TYR D 141 0.31 13.38 4.19
CA TYR D 141 0.36 11.93 4.02
C TYR D 141 0.23 11.44 2.56
N SER D 142 0.24 12.35 1.59
CA SER D 142 0.33 11.97 0.16
C SER D 142 1.77 11.91 -0.35
N PRO E 10 -14.00 24.46 -2.06
CA PRO E 10 -13.12 24.32 -3.22
C PRO E 10 -13.00 22.89 -3.73
N LEU E 11 -13.98 22.41 -4.50
CA LEU E 11 -15.30 23.01 -4.69
C LEU E 11 -16.04 21.70 -4.77
N PHE E 12 -17.25 21.63 -4.25
CA PHE E 12 -17.79 20.33 -3.83
C PHE E 12 -16.89 19.73 -2.75
N GLN E 13 -16.56 20.53 -1.75
CA GLN E 13 -15.72 20.02 -0.68
C GLN E 13 -16.50 19.08 0.25
N GLN E 14 -15.79 18.04 0.68
CA GLN E 14 -16.31 17.03 1.58
C GLN E 14 -17.06 17.65 2.74
N ARG E 15 -18.20 17.09 3.10
CA ARG E 15 -18.93 17.58 4.26
C ARG E 15 -18.74 16.60 5.42
N PRO E 16 -18.89 17.08 6.67
CA PRO E 16 -18.77 16.08 7.75
C PRO E 16 -19.98 15.14 7.81
N TYR E 17 -19.70 13.88 8.13
CA TYR E 17 -20.72 12.89 8.52
C TYR E 17 -21.58 13.39 9.69
N PRO E 18 -22.79 12.80 9.87
CA PRO E 18 -23.64 13.10 11.03
C PRO E 18 -23.10 12.49 12.33
N SER E 19 -23.58 13.00 13.46
CA SER E 19 -23.26 12.45 14.78
C SER E 19 -23.90 11.07 14.90
N PRO E 20 -23.41 10.24 15.84
CA PRO E 20 -24.02 8.92 16.01
C PRO E 20 -25.51 9.01 16.30
N GLY E 21 -25.90 9.97 17.16
CA GLY E 21 -27.29 10.20 17.43
C GLY E 21 -28.12 10.30 16.18
N ALA E 22 -27.70 11.20 15.29
CA ALA E 22 -28.45 11.43 14.06
C ALA E 22 -28.40 10.23 13.13
N VAL E 23 -27.30 9.49 13.13
CA VAL E 23 -27.24 8.28 12.31
C VAL E 23 -28.26 7.26 12.78
N LEU E 24 -28.31 7.03 14.09
CA LEU E 24 -29.24 6.06 14.65
C LEU E 24 -30.66 6.50 14.39
N ARG E 25 -30.93 7.78 14.64
CA ARG E 25 -32.24 8.36 14.28
C ARG E 25 -32.63 8.10 12.82
N ALA E 26 -31.66 8.24 11.92
CA ALA E 26 -31.93 8.11 10.49
C ALA E 26 -32.17 6.66 10.10
N ASN E 27 -31.40 5.74 10.69
CA ASN E 27 -31.62 4.31 10.44
C ASN E 27 -33.02 3.94 10.88
N ALA E 28 -33.43 4.51 12.00
CA ALA E 28 -34.78 4.27 12.52
C ALA E 28 -35.83 4.74 11.51
N GLU E 29 -35.68 5.97 11.01
CA GLU E 29 -36.62 6.51 10.00
C GLU E 29 -36.73 5.62 8.77
N ALA E 30 -35.59 5.14 8.27
CA ALA E 30 -35.52 4.26 7.11
C ALA E 30 -36.24 2.91 7.31
N SER E 31 -36.34 2.45 8.55
CA SER E 31 -37.03 1.20 8.85
C SER E 31 -38.54 1.33 8.66
N ARG E 32 -39.11 2.48 9.06
CA ARG E 32 -40.52 2.78 8.82
C ARG E 32 -40.87 2.70 7.34
N HIS F 5 -0.77 28.08 39.20
CA HIS F 5 -1.54 28.53 38.03
C HIS F 5 -1.18 27.76 36.76
N HIS F 6 0.12 27.51 36.55
CA HIS F 6 0.53 26.69 35.42
C HIS F 6 1.76 25.85 35.70
N HIS F 7 1.61 24.55 35.54
CA HIS F 7 2.66 23.62 35.92
C HIS F 7 3.62 23.35 34.77
N HIS F 8 3.29 23.83 33.59
CA HIS F 8 4.35 23.89 32.60
C HIS F 8 4.40 25.16 31.77
N MET F 9 5.48 25.30 31.03
CA MET F 9 5.72 26.51 30.26
C MET F 9 4.83 26.47 29.06
N ASP F 10 4.52 27.63 28.48
CA ASP F 10 3.82 27.62 27.22
C ASP F 10 4.60 26.92 26.14
N VAL F 11 3.88 26.61 25.05
CA VAL F 11 4.47 25.99 23.86
C VAL F 11 5.52 26.93 23.27
N MET F 12 6.63 26.35 22.84
CA MET F 12 7.77 27.08 22.31
C MET F 12 8.29 26.42 21.04
N TRP F 13 8.56 27.23 20.02
CA TRP F 13 8.87 26.71 18.70
C TRP F 13 10.29 27.03 18.28
N GLU F 14 10.95 26.06 17.65
CA GLU F 14 12.18 26.33 16.92
C GLU F 14 11.96 26.02 15.43
N TYR F 15 12.67 26.73 14.54
CA TYR F 15 12.52 26.47 13.11
C TYR F 15 13.81 26.42 12.29
N LYS F 16 13.69 25.97 11.05
CA LYS F 16 14.81 26.06 10.12
C LYS F 16 14.32 26.21 8.68
N TRP F 17 15.16 26.76 7.80
CA TRP F 17 14.76 27.06 6.43
C TRP F 17 14.88 25.86 5.50
N GLU F 18 16.01 25.15 5.57
CA GLU F 18 16.12 23.87 4.89
C GLU F 18 15.74 22.74 5.82
N ASN F 19 15.26 21.64 5.25
CA ASN F 19 14.93 20.48 6.06
C ASN F 19 16.07 19.47 6.03
N THR F 20 17.19 19.83 6.66
CA THR F 20 18.30 18.89 6.86
C THR F 20 18.94 19.12 8.22
N GLY F 21 19.71 18.13 8.69
CA GLY F 21 20.46 18.26 9.92
C GLY F 21 21.80 18.91 9.65
N ASP F 22 21.78 19.90 8.76
CA ASP F 22 22.95 20.70 8.41
C ASP F 22 22.56 22.17 8.53
N ALA F 23 21.26 22.43 8.53
CA ALA F 23 20.73 23.78 8.49
C ALA F 23 20.66 24.46 9.86
N GLU F 24 20.63 25.78 9.84
CA GLU F 24 20.61 26.60 11.04
C GLU F 24 19.28 26.53 11.77
N LEU F 25 19.32 26.42 13.10
CA LEU F 25 18.11 26.41 13.93
C LEU F 25 17.81 27.75 14.61
N TYR F 26 16.52 28.09 14.65
CA TYR F 26 16.07 29.41 15.11
C TYR F 26 15.01 29.24 16.18
N GLY F 27 15.27 29.77 17.36
CA GLY F 27 14.36 29.61 18.48
C GLY F 27 15.07 29.79 19.80
N PRO F 28 14.30 29.80 20.92
CA PRO F 28 12.86 29.51 21.01
C PRO F 28 11.93 30.70 20.74
N PHE F 29 10.83 30.48 20.01
CA PHE F 29 9.83 31.53 19.81
C PHE F 29 8.44 31.10 20.28
N THR F 30 7.65 32.09 20.71
CA THR F 30 6.29 31.85 21.18
C THR F 30 5.37 31.51 20.02
N SER F 31 4.14 31.12 20.33
CA SER F 31 3.17 30.85 19.29
C SER F 31 2.72 32.14 18.58
N ALA F 32 2.53 33.20 19.36
CA ALA F 32 2.05 34.47 18.82
C ALA F 32 3.13 35.17 17.95
N GLN F 33 4.39 34.84 18.19
CA GLN F 33 5.48 35.35 17.37
C GLN F 33 5.47 34.59 16.07
N MET F 34 5.35 33.27 16.16
CA MET F 34 5.25 32.48 14.96
C MET F 34 4.04 32.90 14.13
N GLN F 35 2.93 33.20 14.80
CA GLN F 35 1.73 33.65 14.09
C GLN F 35 1.97 34.99 13.37
N THR F 36 2.57 35.94 14.08
CA THR F 36 2.85 37.26 13.52
C THR F 36 3.76 37.17 12.31
N TRP F 37 4.85 36.40 12.41
CA TRP F 37 5.74 36.21 11.27
C TRP F 37 4.99 35.65 10.06
N VAL F 38 4.24 34.57 10.25
CA VAL F 38 3.40 34.00 9.18
C VAL F 38 2.50 35.08 8.56
N SER F 39 1.58 35.61 9.36
CA SER F 39 0.64 36.61 8.88
C SER F 39 1.27 37.95 8.43
N GLU F 40 2.60 38.02 8.39
CA GLU F 40 3.24 39.21 7.84
C GLU F 40 4.25 38.87 6.76
N GLY F 41 4.18 37.66 6.23
CA GLY F 41 4.91 37.32 5.03
C GLY F 41 6.30 36.75 5.18
N TYR F 42 6.80 36.58 6.41
CA TYR F 42 8.19 36.15 6.57
C TYR F 42 8.43 34.71 6.12
N PHE F 43 7.34 33.97 5.96
CA PHE F 43 7.41 32.55 5.65
C PHE F 43 6.53 32.24 4.45
N PRO F 44 6.85 32.80 3.27
CA PRO F 44 5.96 32.61 2.11
C PRO F 44 5.92 31.15 1.66
N ASP F 45 7.08 30.48 1.63
CA ASP F 45 7.13 29.05 1.37
C ASP F 45 7.10 28.22 2.66
N GLY F 46 6.64 28.83 3.75
CA GLY F 46 6.65 28.16 5.03
C GLY F 46 8.05 27.75 5.52
N VAL F 47 8.10 27.18 6.70
CA VAL F 47 9.37 26.84 7.30
C VAL F 47 9.22 25.53 8.06
N TYR F 48 10.27 24.71 8.07
CA TYR F 48 10.26 23.49 8.86
C TYR F 48 10.41 23.71 10.37
N CYS F 49 9.30 23.71 11.08
CA CYS F 49 9.34 23.90 12.52
C CYS F 49 8.97 22.65 13.31
N ARG F 50 9.26 22.69 14.60
CA ARG F 50 8.82 21.69 15.58
C ARG F 50 8.67 22.39 16.92
N LYS F 51 7.85 21.85 17.82
CA LYS F 51 7.76 22.44 19.15
C LYS F 51 8.85 21.82 20.04
N LEU F 52 9.27 22.57 21.04
CA LEU F 52 10.45 22.18 21.82
C LEU F 52 10.14 21.12 22.88
N ASP F 53 8.90 21.07 23.32
CA ASP F 53 8.48 20.06 24.29
C ASP F 53 7.58 19.03 23.63
N PRO F 54 8.02 17.75 23.62
CA PRO F 54 9.30 17.23 24.11
C PRO F 54 10.42 17.38 23.08
N PRO F 55 11.67 17.10 23.47
CA PRO F 55 12.79 17.22 22.52
C PRO F 55 12.77 16.14 21.45
N GLY F 56 13.59 16.31 20.41
CA GLY F 56 13.75 15.31 19.38
C GLY F 56 12.57 15.14 18.44
N GLY F 57 11.63 16.09 18.45
CA GLY F 57 10.47 16.02 17.60
C GLY F 57 10.83 16.12 16.12
N GLN F 58 10.02 15.55 15.25
CA GLN F 58 10.26 15.68 13.82
C GLN F 58 9.85 17.09 13.41
N PHE F 59 10.31 17.54 12.25
CA PHE F 59 9.96 18.88 11.78
C PHE F 59 8.78 18.86 10.80
N TYR F 60 7.81 19.73 11.03
CA TYR F 60 6.68 19.88 10.14
C TYR F 60 6.77 21.20 9.40
N ASN F 61 6.28 21.24 8.16
CA ASN F 61 6.14 22.47 7.42
C ASN F 61 5.08 23.37 8.06
N SER F 62 5.42 24.63 8.26
CA SER F 62 4.59 25.56 9.02
C SER F 62 3.32 25.96 8.31
N LYS F 63 3.23 25.67 7.02
CA LYS F 63 2.01 26.04 6.32
C LYS F 63 0.89 25.15 6.82
N ARG F 64 1.26 23.93 7.20
CA ARG F 64 0.29 22.97 7.72
C ARG F 64 -0.08 23.28 9.17
N ILE F 65 0.68 24.16 9.81
CA ILE F 65 0.48 24.43 11.23
C ILE F 65 -0.33 25.70 11.50
N ASP F 66 -1.31 25.61 12.39
CA ASP F 66 -2.09 26.78 12.75
C ASP F 66 -1.64 27.24 14.16
N PHE F 67 -0.83 28.29 14.18
CA PHE F 67 -0.27 28.79 15.44
C PHE F 67 -1.34 29.47 16.28
N ASP F 68 -2.40 29.94 15.62
CA ASP F 68 -3.54 30.58 16.29
C ASP F 68 -4.32 29.62 17.20
N LEU F 69 -4.02 28.32 17.11
CA LEU F 69 -4.68 27.35 17.96
C LEU F 69 -3.97 27.30 19.31
N TYR F 70 -2.80 27.93 19.35
CA TYR F 70 -1.96 27.89 20.53
C TYR F 70 -1.89 29.26 21.17
N THR F 71 -2.78 30.14 20.74
CA THR F 71 -2.84 31.50 21.27
C THR F 71 -4.26 31.82 21.70
#